data_9FCI
#
_entry.id   9FCI
#
_cell.length_a   1.00
_cell.length_b   1.00
_cell.length_c   1.00
_cell.angle_alpha   90.00
_cell.angle_beta   90.00
_cell.angle_gamma   90.00
#
_symmetry.space_group_name_H-M   'P 1'
#
loop_
_entity.id
_entity.type
_entity.pdbx_description
1 polymer 'Ubiquitin carboxyl-terminal hydrolase 1'
2 polymer Polyubiquitin-C
3 non-polymer 'ZINC ION'
4 non-polymer 6-(4-cyclopropyl-6-methoxy-pyrimidin-5-yl)-1-[[4-[1-propan-2-yl-4-(trifluoromethyl)imidazol-2-yl]phenyl]methyl]pyrazolo[3,4-d]pyrimidine
#
loop_
_entity_poly.entity_id
_entity_poly.type
_entity_poly.pdbx_seq_one_letter_code
_entity_poly.pdbx_strand_id
1 'polypeptide(L)'
;GMPGVIPSESNGLSRGSPSKKNRLSLKFFQKKETKRALDFTDSQENEEKASEYRASEIDQVVPAAQSSPINCEKRENLLP
FVGLNNLGNTSYLNSILQVLYFCPGFKSGVKHLFNIISRKKEALKDEANQKDKGNCKEDSLASYELICSLQSLIISVEQL
QASFLLNPEKYTDELATQPRRLLNTLRELNPMYEGYLQHDAQEVLQCILGNIQETCQLLKKEEVKNVAELPTKVEEIPHP
KEEMNGINSIEMDSMRHSEDFKEKLPKGNGKRKSDTEFGNMKKKVKLSKEHQSLEENQRQTRSKRKATSDTLESPPKIIP
KYISENESPRPSQKKSRVKINWLKSATKQPSILSKFCSLGKITTNQGVKGQSKENECDPEEDLGKCESDNTTNGCGLESP
GNTVTPVNVNEVKPINKGEEQIGFELVEKLFQGQLVLRTRCLECESLTERREDFQDISVPVQEDELSKVEESSEISPEPK
TEMKTLRWAISQFASVERIVGEDKYFCENCHHYTEAERSLLFDKMPEVITIHLKCFAASGLEFDCYGGGLSKINTPLLTP
LKLSLEEWSTKPTNDSYGLFAVVMHSGITISSGHYTASVKVTDLNSLELDKGNFVVDQMCEIGKPEPLNEEEARGVVENY
NDEEVSIRVGGNTQPSKVLNKKNVEAIGLLAAQKSKADYELYNKASNPDKVASTAFAENRNSETSDTTGTHESDRNKESS
DQTGINISGFENKISYVVQSLKEYEGKWLLFDDSEVKVTEEKDFLNSLSPSTSPTSTPYLLFYKKL
;
D
2 'polypeptide(L)' GPGSMQIFVKTLTGKTITLEVEPSDTIENVKAKIQDKEGIPPDQQRLIFAGKQLEDGRTLSDYNIQKESTLHLVLRLRGG C
#
# COMPACT_ATOMS: atom_id res chain seq x y z
N ASN A 86 -14.42 -16.41 17.78
CA ASN A 86 -13.05 -16.92 17.74
C ASN A 86 -12.38 -16.56 16.41
N LEU A 87 -13.19 -16.17 15.43
CA LEU A 87 -12.67 -15.84 14.11
C LEU A 87 -11.92 -14.52 14.12
N GLY A 88 -12.44 -13.53 14.84
CA GLY A 88 -11.90 -12.18 14.78
C GLY A 88 -10.59 -11.97 15.50
N ASN A 89 -9.90 -13.05 15.87
CA ASN A 89 -8.60 -12.91 16.49
C ASN A 89 -7.52 -12.50 15.49
N THR A 90 -7.80 -12.62 14.19
CA THR A 90 -6.86 -12.30 13.12
C THR A 90 -7.52 -11.32 12.15
N SER A 91 -8.10 -10.26 12.69
CA SER A 91 -8.84 -9.29 11.89
C SER A 91 -7.95 -8.49 10.96
N TYR A 92 -6.63 -8.61 11.07
CA TYR A 92 -5.74 -8.02 10.08
C TYR A 92 -5.73 -8.82 8.78
N LEU A 93 -5.79 -10.15 8.89
CA LEU A 93 -5.86 -11.02 7.73
C LEU A 93 -7.26 -11.20 7.22
N ASN A 94 -8.26 -11.18 8.10
CA ASN A 94 -9.63 -11.28 7.63
C ASN A 94 -9.94 -10.12 6.71
N SER A 95 -9.81 -8.90 7.22
CA SER A 95 -10.29 -7.72 6.50
C SER A 95 -9.65 -7.61 5.12
N ILE A 96 -8.37 -7.94 5.01
CA ILE A 96 -7.68 -7.96 3.71
C ILE A 96 -8.20 -9.05 2.80
N LEU A 97 -8.53 -10.22 3.34
CA LEU A 97 -9.09 -11.30 2.56
C LEU A 97 -10.44 -10.96 1.95
N GLN A 98 -11.23 -10.09 2.58
CA GLN A 98 -12.57 -9.70 2.14
C GLN A 98 -12.50 -8.73 0.97
N VAL A 99 -11.58 -7.76 1.03
CA VAL A 99 -11.37 -6.85 -0.10
C VAL A 99 -10.87 -7.62 -1.31
N LEU A 100 -9.95 -8.55 -1.07
CA LEU A 100 -9.43 -9.37 -2.16
C LEU A 100 -10.52 -10.26 -2.75
N TYR A 101 -11.40 -10.80 -1.89
CA TYR A 101 -12.51 -11.60 -2.38
C TYR A 101 -13.45 -10.78 -3.26
N PHE A 102 -13.73 -9.55 -2.85
CA PHE A 102 -14.61 -8.65 -3.60
C PHE A 102 -13.84 -7.78 -4.58
N CYS A 103 -12.57 -8.10 -4.83
CA CYS A 103 -11.75 -7.36 -5.79
C CYS A 103 -12.09 -7.80 -7.20
N PRO A 104 -12.41 -6.85 -8.09
CA PRO A 104 -12.76 -7.23 -9.48
C PRO A 104 -11.71 -8.09 -10.15
N GLY A 105 -12.07 -9.33 -10.47
CA GLY A 105 -11.19 -10.22 -11.19
C GLY A 105 -10.10 -10.89 -10.37
N PHE A 106 -10.24 -10.96 -9.05
CA PHE A 106 -9.22 -11.62 -8.23
C PHE A 106 -9.46 -13.12 -8.14
N LYS A 107 -10.68 -13.51 -7.74
CA LYS A 107 -11.00 -14.92 -7.54
C LYS A 107 -10.84 -15.69 -8.84
N SER A 108 -11.27 -15.10 -9.96
CA SER A 108 -11.05 -15.71 -11.26
C SER A 108 -9.55 -15.87 -11.55
N GLY A 109 -8.76 -14.89 -11.13
CA GLY A 109 -7.32 -15.01 -11.23
C GLY A 109 -6.73 -16.11 -10.37
N VAL A 110 -7.27 -16.30 -9.17
CA VAL A 110 -6.78 -17.37 -8.30
C VAL A 110 -7.16 -18.74 -8.85
N LYS A 111 -8.40 -18.91 -9.31
CA LYS A 111 -8.82 -20.20 -9.84
C LYS A 111 -8.11 -20.55 -11.15
N HIS A 112 -7.80 -19.56 -11.99
CA HIS A 112 -7.02 -19.84 -13.18
C HIS A 112 -5.63 -20.35 -12.82
N LEU A 113 -4.98 -19.70 -11.85
CA LEU A 113 -3.68 -20.17 -11.43
C LEU A 113 -3.76 -21.45 -10.61
N PHE A 114 -4.87 -21.69 -9.92
CA PHE A 114 -5.03 -22.94 -9.19
C PHE A 114 -5.06 -24.13 -10.14
N ASN A 115 -5.77 -24.00 -11.26
CA ASN A 115 -5.87 -25.08 -12.23
C ASN A 115 -4.50 -25.47 -12.74
N ILE A 116 -3.72 -24.48 -13.16
CA ILE A 116 -2.37 -24.71 -13.67
C ILE A 116 -1.51 -25.31 -12.55
N ILE A 117 -1.66 -24.78 -11.34
CA ILE A 117 -0.85 -25.24 -10.21
C ILE A 117 -1.20 -26.69 -9.88
N SER A 118 -2.50 -27.00 -9.81
CA SER A 118 -2.92 -28.34 -9.42
C SER A 118 -2.65 -29.36 -10.52
N ARG A 119 -2.84 -28.98 -11.79
CA ARG A 119 -2.56 -29.89 -12.88
C ARG A 119 -1.07 -30.26 -12.92
N LYS A 120 -0.19 -29.29 -12.66
CA LYS A 120 1.23 -29.60 -12.56
C LYS A 120 1.52 -30.50 -11.37
N LYS A 121 0.77 -30.35 -10.28
CA LYS A 121 0.93 -31.24 -9.14
C LYS A 121 0.57 -32.68 -9.50
N GLU A 122 -0.48 -32.86 -10.30
CA GLU A 122 -0.83 -34.19 -10.79
C GLU A 122 0.26 -34.74 -11.70
N ALA A 123 0.80 -33.89 -12.58
CA ALA A 123 1.86 -34.31 -13.49
C ALA A 123 3.17 -34.50 -12.75
N LEU A 141 7.49 -24.55 -3.43
CA LEU A 141 6.45 -25.46 -3.03
C LEU A 141 5.50 -24.80 -2.04
N ALA A 142 6.07 -24.03 -1.10
CA ALA A 142 5.24 -23.26 -0.18
C ALA A 142 4.53 -22.11 -0.89
N SER A 143 5.11 -21.59 -1.98
CA SER A 143 4.39 -20.65 -2.83
C SER A 143 3.21 -21.32 -3.51
N TYR A 144 3.36 -22.59 -3.88
CA TYR A 144 2.23 -23.37 -4.36
C TYR A 144 1.16 -23.50 -3.29
N GLU A 145 1.56 -23.59 -2.02
CA GLU A 145 0.61 -23.74 -0.93
C GLU A 145 -0.29 -22.52 -0.81
N LEU A 146 0.26 -21.32 -1.01
CA LEU A 146 -0.54 -20.10 -0.89
C LEU A 146 -1.68 -20.09 -1.90
N ILE A 147 -1.40 -20.50 -3.13
CA ILE A 147 -2.44 -20.54 -4.16
C ILE A 147 -3.50 -21.56 -3.79
N CYS A 148 -3.06 -22.74 -3.34
CA CYS A 148 -4.00 -23.78 -2.92
C CYS A 148 -4.79 -23.34 -1.69
N SER A 149 -4.11 -22.73 -0.71
CA SER A 149 -4.79 -22.27 0.49
C SER A 149 -5.78 -21.15 0.17
N LEU A 150 -5.39 -20.22 -0.69
CA LEU A 150 -6.29 -19.14 -1.08
C LEU A 150 -7.52 -19.66 -1.79
N GLN A 151 -7.35 -20.61 -2.71
CA GLN A 151 -8.47 -21.13 -3.48
C GLN A 151 -9.48 -21.82 -2.58
N SER A 152 -9.00 -22.59 -1.59
CA SER A 152 -9.88 -23.24 -0.64
C SER A 152 -10.69 -22.22 0.15
N LEU A 153 -10.05 -21.14 0.56
CA LEU A 153 -10.76 -20.08 1.27
C LEU A 153 -11.79 -19.41 0.38
N ILE A 154 -11.43 -19.18 -0.89
CA ILE A 154 -12.39 -18.62 -1.84
C ILE A 154 -13.59 -19.55 -2.01
N ILE A 155 -13.34 -20.86 -2.03
CA ILE A 155 -14.43 -21.82 -2.13
C ILE A 155 -15.31 -21.79 -0.89
N SER A 156 -14.69 -21.70 0.29
CA SER A 156 -15.42 -21.76 1.55
C SER A 156 -16.40 -20.61 1.71
N VAL A 157 -16.00 -19.40 1.31
CA VAL A 157 -16.89 -18.24 1.39
C VAL A 157 -18.03 -18.41 0.39
N GLU A 158 -17.72 -19.01 -0.77
CA GLU A 158 -18.72 -19.19 -1.81
C GLU A 158 -19.86 -20.09 -1.37
N GLN A 159 -19.55 -21.24 -0.78
CA GLN A 159 -20.57 -22.21 -0.39
C GLN A 159 -21.47 -21.65 0.71
N LEU A 160 -20.91 -20.86 1.62
CA LEU A 160 -21.71 -20.25 2.67
C LEU A 160 -22.61 -19.15 2.11
N GLN A 161 -22.07 -18.33 1.21
CA GLN A 161 -22.85 -17.22 0.65
C GLN A 161 -23.95 -17.74 -0.27
N ALA A 162 -23.73 -18.90 -0.89
CA ALA A 162 -24.65 -19.44 -1.88
C ALA A 162 -26.05 -19.66 -1.30
N SER A 163 -26.12 -20.25 -0.10
CA SER A 163 -27.41 -20.51 0.53
C SER A 163 -27.67 -19.57 1.69
N GLN A 178 -10.58 -21.59 7.94
CA GLN A 178 -9.99 -21.19 6.66
C GLN A 178 -9.08 -19.96 6.77
N PRO A 179 -9.44 -18.88 7.46
CA PRO A 179 -8.45 -17.82 7.72
C PRO A 179 -7.28 -18.29 8.56
N ARG A 180 -7.48 -19.33 9.37
CA ARG A 180 -6.39 -19.93 10.10
C ARG A 180 -5.44 -20.71 9.20
N ARG A 181 -5.95 -21.53 8.29
CA ARG A 181 -5.08 -22.31 7.41
C ARG A 181 -4.24 -21.40 6.52
N LEU A 182 -4.83 -20.30 6.07
CA LEU A 182 -4.10 -19.33 5.26
C LEU A 182 -2.92 -18.78 6.05
N LEU A 183 -3.10 -18.63 7.37
CA LEU A 183 -2.04 -18.10 8.22
C LEU A 183 -0.86 -19.06 8.38
N ASN A 184 -1.11 -20.38 8.34
CA ASN A 184 0.00 -21.32 8.43
C ASN A 184 0.84 -21.30 7.17
N THR A 185 0.22 -21.08 6.01
CA THR A 185 1.00 -20.83 4.81
C THR A 185 1.87 -19.59 4.96
N LEU A 186 1.30 -18.54 5.57
CA LEU A 186 2.07 -17.31 5.79
C LEU A 186 3.18 -17.51 6.81
N ARG A 187 2.99 -18.43 7.77
CA ARG A 187 4.03 -18.55 8.80
C ARG A 187 5.31 -19.13 8.22
N GLU A 188 5.21 -19.82 7.08
CA GLU A 188 6.38 -20.36 6.38
C GLU A 188 6.97 -19.32 5.44
N LEU A 189 6.11 -18.63 4.67
CA LEU A 189 6.58 -17.59 3.78
C LEU A 189 7.07 -16.36 4.55
N ASN A 190 6.53 -16.13 5.74
CA ASN A 190 6.88 -14.98 6.56
C ASN A 190 6.98 -15.44 8.01
N PRO A 191 8.11 -15.17 8.67
CA PRO A 191 8.32 -15.71 10.01
C PRO A 191 7.47 -15.05 11.09
N MET A 192 7.13 -13.77 10.91
CA MET A 192 6.37 -13.06 11.94
C MET A 192 4.92 -13.55 12.00
N TYR A 193 4.33 -13.85 10.84
CA TYR A 193 2.91 -14.17 10.78
C TYR A 193 2.64 -15.59 11.27
N GLU A 194 2.76 -15.79 12.58
CA GLU A 194 2.53 -17.11 13.15
C GLU A 194 1.32 -17.11 14.09
N LEU A 197 -0.55 -12.60 17.65
CA LEU A 197 -0.25 -11.17 17.73
C LEU A 197 -1.12 -10.35 16.80
N GLN A 198 -1.01 -9.04 16.89
CA GLN A 198 -1.71 -8.12 16.01
C GLN A 198 -0.74 -7.52 15.02
N HIS A 199 -1.14 -7.50 13.74
CA HIS A 199 -0.27 -7.05 12.66
C HIS A 199 -0.96 -5.95 11.86
N ASP A 200 -0.24 -5.46 10.86
CA ASP A 200 -0.71 -4.38 10.01
C ASP A 200 -1.48 -4.95 8.83
N ALA A 201 -2.66 -4.41 8.57
CA ALA A 201 -3.50 -4.93 7.49
C ALA A 201 -2.82 -4.74 6.13
N GLN A 202 -2.25 -3.55 5.90
CA GLN A 202 -1.59 -3.29 4.63
C GLN A 202 -0.36 -4.16 4.44
N GLU A 203 0.35 -4.46 5.53
CA GLU A 203 1.54 -5.29 5.41
C GLU A 203 1.20 -6.70 4.96
N VAL A 204 0.08 -7.25 5.44
CA VAL A 204 -0.36 -8.56 4.97
C VAL A 204 -0.77 -8.51 3.51
N LEU A 205 -1.28 -7.36 3.06
CA LEU A 205 -1.66 -7.23 1.65
C LEU A 205 -0.47 -7.42 0.74
N GLN A 206 0.69 -6.89 1.14
CA GLN A 206 1.91 -7.07 0.35
C GLN A 206 2.31 -8.54 0.26
N CYS A 207 2.19 -9.27 1.37
CA CYS A 207 2.60 -10.68 1.41
C CYS A 207 1.76 -11.52 0.45
N ILE A 208 0.43 -11.40 0.54
CA ILE A 208 -0.46 -12.17 -0.32
C ILE A 208 -0.28 -11.73 -1.77
N LEU A 209 -0.27 -10.41 -2.01
CA LEU A 209 -0.14 -9.91 -3.37
C LEU A 209 1.27 -10.02 -3.92
N GLY A 210 2.26 -10.25 -3.07
CA GLY A 210 3.63 -10.38 -3.53
C GLY A 210 4.00 -11.82 -3.82
N ASN A 211 3.57 -12.74 -2.96
CA ASN A 211 3.88 -14.15 -3.16
C ASN A 211 3.06 -14.75 -4.29
N ILE A 212 1.88 -14.18 -4.58
CA ILE A 212 1.11 -14.62 -5.74
C ILE A 212 1.87 -14.30 -7.02
N GLN A 213 2.41 -13.09 -7.11
CA GLN A 213 3.18 -12.70 -8.28
C GLN A 213 4.47 -13.53 -8.39
N GLU A 214 5.08 -13.83 -7.25
CA GLU A 214 6.27 -14.68 -7.22
C GLU A 214 5.95 -16.06 -7.78
N THR A 215 4.80 -16.61 -7.40
CA THR A 215 4.33 -17.87 -7.97
C THR A 215 4.11 -17.71 -9.47
N CYS A 216 3.49 -16.59 -9.87
CA CYS A 216 3.23 -16.31 -11.27
C CYS A 216 4.52 -16.22 -12.07
N GLN A 217 5.51 -15.51 -11.53
CA GLN A 217 6.79 -15.35 -12.22
C GLN A 217 7.47 -16.70 -12.41
N LEU A 218 7.26 -17.62 -11.46
CA LEU A 218 7.78 -18.97 -11.59
C LEU A 218 6.93 -19.80 -12.54
N LEU A 219 5.61 -19.70 -12.42
CA LEU A 219 4.71 -20.51 -13.23
C LEU A 219 4.74 -20.10 -14.69
N LYS A 220 4.85 -18.79 -14.94
CA LYS A 220 4.93 -18.27 -16.31
C LYS A 220 6.18 -18.80 -17.00
N LYS A 221 7.30 -18.85 -16.27
CA LYS A 221 8.54 -19.40 -16.79
C LYS A 221 8.37 -20.88 -17.15
N GLU A 222 7.69 -21.63 -16.29
CA GLU A 222 7.48 -23.06 -16.52
C GLU A 222 6.56 -23.28 -17.72
N GLY A 423 -3.25 -15.08 -18.08
CA GLY A 423 -3.64 -14.95 -16.69
C GLY A 423 -2.47 -14.99 -15.73
N PHE A 424 -1.27 -15.18 -16.28
CA PHE A 424 -0.05 -15.21 -15.47
C PHE A 424 0.31 -13.84 -14.90
N GLU A 425 -0.25 -12.77 -15.44
CA GLU A 425 -0.06 -11.43 -14.88
C GLU A 425 -1.15 -11.06 -13.90
N LEU A 426 -1.31 -11.87 -12.84
CA LEU A 426 -2.42 -11.68 -11.90
C LEU A 426 -2.26 -10.37 -11.13
N VAL A 427 -1.09 -10.15 -10.54
CA VAL A 427 -0.88 -8.97 -9.70
C VAL A 427 -0.50 -7.77 -10.55
N GLU A 428 0.34 -7.99 -11.56
CA GLU A 428 0.87 -6.88 -12.36
C GLU A 428 -0.24 -6.12 -13.09
N LYS A 429 -1.20 -6.86 -13.66
CA LYS A 429 -2.29 -6.22 -14.39
C LYS A 429 -3.39 -5.67 -13.48
N LEU A 430 -3.43 -6.09 -12.22
CA LEU A 430 -4.50 -5.70 -11.32
C LEU A 430 -4.09 -4.68 -10.28
N PHE A 431 -2.85 -4.69 -9.81
CA PHE A 431 -2.45 -3.79 -8.73
C PHE A 431 -1.27 -2.90 -9.11
N GLN A 432 -0.29 -3.45 -9.82
CA GLN A 432 0.91 -2.69 -10.13
C GLN A 432 0.62 -1.57 -11.11
N GLY A 433 1.33 -0.46 -10.95
CA GLY A 433 1.24 0.67 -11.85
C GLY A 433 2.61 1.26 -12.07
N GLN A 434 2.67 2.29 -12.89
CA GLN A 434 3.93 2.94 -13.24
C GLN A 434 3.91 4.39 -12.77
N LEU A 435 5.02 4.83 -12.20
CA LEU A 435 5.18 6.20 -11.73
C LEU A 435 6.35 6.86 -12.44
N VAL A 436 6.19 8.13 -12.78
CA VAL A 436 7.25 8.93 -13.38
C VAL A 436 7.68 9.95 -12.32
N LEU A 437 8.93 9.84 -11.87
CA LEU A 437 9.45 10.70 -10.80
C LEU A 437 10.40 11.71 -11.45
N ARG A 438 9.94 12.94 -11.59
CA ARG A 438 10.70 13.99 -12.25
C ARG A 438 11.31 14.93 -11.22
N THR A 439 12.59 15.26 -11.40
CA THR A 439 13.31 16.15 -10.52
C THR A 439 13.87 17.32 -11.33
N ARG A 440 13.63 18.54 -10.87
CA ARG A 440 14.06 19.74 -11.57
C ARG A 440 14.97 20.55 -10.66
N CYS A 441 16.25 20.59 -11.00
CA CYS A 441 17.20 21.44 -10.28
C CYS A 441 16.83 22.90 -10.48
N LEU A 442 16.99 23.70 -9.43
CA LEU A 442 16.58 25.10 -9.50
C LEU A 442 17.69 26.04 -9.95
N GLU A 443 18.91 25.54 -10.16
CA GLU A 443 19.97 26.39 -10.71
C GLU A 443 20.06 26.23 -12.23
N CYS A 444 20.29 25.00 -12.69
CA CYS A 444 20.41 24.73 -14.12
C CYS A 444 19.08 24.45 -14.79
N GLU A 445 18.01 24.24 -14.01
CA GLU A 445 16.68 23.94 -14.54
C GLU A 445 16.69 22.73 -15.48
N SER A 446 17.47 21.71 -15.14
CA SER A 446 17.47 20.45 -15.87
C SER A 446 16.49 19.48 -15.23
N LEU A 447 16.05 18.50 -16.03
CA LEU A 447 15.06 17.52 -15.60
C LEU A 447 15.66 16.12 -15.67
N THR A 448 15.46 15.36 -14.61
CA THR A 448 15.80 13.94 -14.58
C THR A 448 14.57 13.14 -14.20
N GLU A 449 14.40 11.99 -14.83
CA GLU A 449 13.19 11.18 -14.66
C GLU A 449 13.54 9.79 -14.15
N ARG A 450 12.61 9.23 -13.38
CA ARG A 450 12.71 7.87 -12.89
C ARG A 450 11.39 7.14 -13.12
N ARG A 451 11.47 5.85 -13.38
CA ARG A 451 10.30 4.99 -13.50
C ARG A 451 10.29 3.99 -12.37
N GLU A 452 9.22 4.00 -11.58
CA GLU A 452 9.08 3.10 -10.44
C GLU A 452 7.68 2.51 -10.43
N ASP A 453 7.59 1.24 -10.06
CA ASP A 453 6.30 0.60 -9.91
C ASP A 453 5.68 0.97 -8.56
N PHE A 454 4.35 0.87 -8.50
CA PHE A 454 3.63 1.12 -7.27
C PHE A 454 2.39 0.24 -7.22
N GLN A 455 2.11 -0.29 -6.04
CA GLN A 455 0.88 -1.04 -5.80
C GLN A 455 -0.15 -0.25 -5.03
N ASP A 456 0.27 0.81 -4.33
CA ASP A 456 -0.65 1.65 -3.57
C ASP A 456 -0.05 3.04 -3.49
N ILE A 457 -0.92 4.03 -3.28
CA ILE A 457 -0.52 5.42 -3.21
C ILE A 457 -0.55 5.85 -1.74
N SER A 458 0.62 5.94 -1.12
CA SER A 458 0.73 6.24 0.30
C SER A 458 0.65 7.75 0.47
N VAL A 459 -0.48 8.23 0.98
CA VAL A 459 -0.73 9.67 1.09
C VAL A 459 -0.76 10.08 2.56
N PRO A 460 -0.42 11.32 2.88
CA PRO A 460 -0.59 11.79 4.26
C PRO A 460 -2.04 12.16 4.55
N VAL A 461 -2.33 12.27 5.85
CA VAL A 461 -3.66 12.65 6.31
C VAL A 461 -3.66 14.01 6.99
N GLN A 462 -2.51 14.45 7.51
CA GLN A 462 -2.43 15.72 8.22
C GLN A 462 -1.17 16.45 7.77
N GLU A 463 -1.25 17.78 7.70
CA GLU A 463 -0.11 18.59 7.31
C GLU A 463 0.72 18.96 8.52
N ASP A 464 2.04 18.88 8.38
CA ASP A 464 2.96 19.22 9.46
C ASP A 464 4.37 19.40 8.93
N MET A 483 -11.58 21.30 6.81
CA MET A 483 -11.43 19.87 6.53
C MET A 483 -10.63 19.64 5.26
N LYS A 484 -9.76 18.64 5.28
CA LYS A 484 -8.91 18.31 4.15
C LYS A 484 -9.47 17.13 3.37
N THR A 485 -9.43 17.23 2.05
CA THR A 485 -10.02 16.24 1.16
C THR A 485 -8.95 15.26 0.68
N LEU A 486 -9.41 14.18 0.06
CA LEU A 486 -8.47 13.24 -0.56
C LEU A 486 -7.72 13.89 -1.72
N ARG A 487 -8.35 14.87 -2.39
CA ARG A 487 -7.66 15.63 -3.42
C ARG A 487 -6.43 16.32 -2.83
N TRP A 488 -6.57 16.89 -1.63
CA TRP A 488 -5.42 17.49 -0.97
C TRP A 488 -4.36 16.45 -0.62
N ALA A 489 -4.80 15.27 -0.17
CA ALA A 489 -3.85 14.25 0.26
C ALA A 489 -3.01 13.74 -0.91
N ILE A 490 -3.64 13.48 -2.06
CA ILE A 490 -2.89 13.05 -3.23
C ILE A 490 -2.02 14.18 -3.75
N SER A 491 -2.51 15.43 -3.68
CA SER A 491 -1.70 16.56 -4.10
C SER A 491 -0.42 16.68 -3.28
N GLN A 492 -0.53 16.48 -1.96
CA GLN A 492 0.67 16.45 -1.13
C GLN A 492 1.61 15.32 -1.54
N PHE A 493 1.08 14.29 -2.21
CA PHE A 493 1.89 13.16 -2.63
C PHE A 493 2.52 13.38 -4.00
N ALA A 494 1.78 14.00 -4.92
CA ALA A 494 2.18 14.05 -6.31
C ALA A 494 2.43 15.43 -6.87
N SER A 495 1.92 16.49 -6.24
CA SER A 495 2.15 17.82 -6.77
C SER A 495 3.60 18.24 -6.58
N VAL A 496 3.97 19.35 -7.22
CA VAL A 496 5.36 19.80 -7.22
C VAL A 496 5.77 20.17 -5.81
N GLU A 497 6.75 19.45 -5.28
CA GLU A 497 7.30 19.71 -3.96
C GLU A 497 8.72 20.23 -4.09
N ARG A 498 9.09 21.17 -3.23
CA ARG A 498 10.36 21.86 -3.30
C ARG A 498 11.21 21.42 -2.10
N ILE A 499 12.26 20.64 -2.35
CA ILE A 499 13.17 20.18 -1.31
C ILE A 499 14.25 21.23 -1.13
N VAL A 500 14.39 21.72 0.09
CA VAL A 500 15.24 22.86 0.41
C VAL A 500 15.99 22.57 1.70
N GLY A 501 16.99 23.41 2.00
CA GLY A 501 17.69 23.33 3.25
C GLY A 501 18.49 22.06 3.48
N GLU A 502 18.19 21.35 4.57
CA GLU A 502 18.95 20.16 4.93
C GLU A 502 18.78 19.02 3.94
N ASP A 503 17.78 19.11 3.05
CA ASP A 503 17.45 18.03 2.12
C ASP A 503 17.74 18.43 0.68
N LYS A 504 18.83 19.17 0.49
CA LYS A 504 19.16 19.69 -0.83
C LYS A 504 19.53 18.55 -1.78
N TYR A 505 19.11 18.70 -3.04
CA TYR A 505 19.35 17.70 -4.07
C TYR A 505 20.71 17.92 -4.70
N PHE A 506 21.44 16.83 -4.89
CA PHE A 506 22.78 16.87 -5.49
C PHE A 506 22.64 16.79 -7.00
N CYS A 507 22.87 17.91 -7.68
CA CYS A 507 22.77 17.97 -9.13
C CYS A 507 24.09 17.55 -9.75
N GLU A 508 24.05 16.54 -10.62
CA GLU A 508 25.26 16.09 -11.29
C GLU A 508 25.70 17.04 -12.38
N ASN A 509 24.78 17.80 -12.98
CA ASN A 509 25.17 18.80 -13.97
C ASN A 509 25.93 19.94 -13.32
N CYS A 510 25.39 20.48 -12.22
CA CYS A 510 26.05 21.55 -11.49
C CYS A 510 27.19 21.07 -10.60
N HIS A 511 27.21 19.78 -10.25
CA HIS A 511 28.21 19.21 -9.35
C HIS A 511 28.20 19.93 -8.01
N HIS A 512 26.99 20.25 -7.53
CA HIS A 512 26.83 20.99 -6.29
C HIS A 512 25.48 20.66 -5.69
N TYR A 513 25.33 20.94 -4.40
CA TYR A 513 24.06 20.74 -3.72
C TYR A 513 23.11 21.87 -4.07
N THR A 514 21.91 21.52 -4.49
CA THR A 514 21.02 22.49 -5.12
C THR A 514 19.59 22.28 -4.65
N GLU A 515 18.79 23.33 -4.77
CA GLU A 515 17.36 23.23 -4.57
C GLU A 515 16.72 22.52 -5.75
N ALA A 516 15.67 21.74 -5.48
CA ALA A 516 15.03 20.96 -6.52
C ALA A 516 13.53 20.89 -6.29
N GLU A 517 12.80 20.71 -7.38
CA GLU A 517 11.36 20.49 -7.35
C GLU A 517 11.05 19.08 -7.84
N ARG A 518 10.34 18.31 -7.03
CA ARG A 518 10.00 16.94 -7.34
C ARG A 518 8.51 16.82 -7.62
N SER A 519 8.16 16.06 -8.66
CA SER A 519 6.74 15.90 -9.03
C SER A 519 6.58 14.48 -9.57
N LEU A 520 5.96 13.62 -8.77
CA LEU A 520 5.68 12.25 -9.19
C LEU A 520 4.35 12.20 -9.92
N LEU A 521 4.34 11.62 -11.10
CA LEU A 521 3.14 11.50 -11.92
C LEU A 521 2.88 10.06 -12.30
N PHE A 522 1.60 9.69 -12.31
CA PHE A 522 1.20 8.34 -12.67
C PHE A 522 1.20 8.17 -14.19
N ASP A 523 1.88 7.11 -14.66
CA ASP A 523 1.96 6.84 -16.07
C ASP A 523 0.99 5.72 -16.40
N LYS A 524 1.12 4.55 -15.79
CA LYS A 524 0.21 3.45 -16.08
C LYS A 524 -0.70 3.20 -14.88
N MET A 525 -2.00 3.09 -15.15
CA MET A 525 -3.02 3.04 -14.11
C MET A 525 -3.58 1.63 -13.98
N PRO A 526 -3.41 0.98 -12.82
CA PRO A 526 -3.97 -0.37 -12.65
C PRO A 526 -5.49 -0.35 -12.52
N GLU A 527 -6.10 -1.53 -12.52
CA GLU A 527 -7.55 -1.62 -12.36
C GLU A 527 -8.02 -1.41 -10.93
N VAL A 528 -7.15 -1.61 -9.95
CA VAL A 528 -7.49 -1.40 -8.55
C VAL A 528 -6.48 -0.42 -7.97
N ILE A 529 -6.96 0.68 -7.43
CA ILE A 529 -6.12 1.72 -6.84
C ILE A 529 -6.30 1.67 -5.33
N THR A 530 -5.23 1.35 -4.62
CA THR A 530 -5.22 1.38 -3.18
C THR A 530 -4.56 2.65 -2.69
N ILE A 531 -5.21 3.34 -1.75
CA ILE A 531 -4.68 4.56 -1.16
C ILE A 531 -4.43 4.30 0.31
N HIS A 532 -3.17 4.21 0.69
CA HIS A 532 -2.76 3.92 2.06
C HIS A 532 -2.65 5.24 2.82
N LEU A 533 -3.68 5.55 3.60
CA LEU A 533 -3.67 6.77 4.40
C LEU A 533 -2.73 6.58 5.59
N LYS A 534 -1.70 7.41 5.67
CA LYS A 534 -0.74 7.32 6.76
C LYS A 534 -1.34 7.95 8.01
N CYS A 535 -2.35 7.30 8.60
CA CYS A 535 -3.07 7.87 9.74
C CYS A 535 -2.23 7.89 11.00
N PHE A 536 -1.06 7.26 10.95
CA PHE A 536 -0.09 7.37 12.02
C PHE A 536 0.72 8.66 11.88
N ALA A 537 1.37 9.06 12.98
CA ALA A 537 2.14 10.28 13.00
C ALA A 537 3.30 10.12 13.98
N ALA A 538 4.14 11.16 14.04
CA ALA A 538 5.28 11.15 14.94
C ALA A 538 5.51 12.57 15.45
N SER A 539 6.20 12.65 16.59
CA SER A 539 6.50 13.94 17.21
C SER A 539 8.01 14.13 17.37
N GLY A 549 7.16 8.79 20.59
CA GLY A 549 6.04 9.70 20.51
C GLY A 549 5.14 9.46 19.33
N LEU A 550 4.97 8.19 18.98
CA LEU A 550 4.14 7.80 17.84
C LEU A 550 2.67 7.79 18.26
N SER A 551 1.83 8.45 17.47
CA SER A 551 0.40 8.54 17.74
C SER A 551 -0.37 8.21 16.47
N LYS A 552 -1.68 8.05 16.63
CA LYS A 552 -2.59 7.77 15.53
C LYS A 552 -3.46 9.00 15.30
N ILE A 553 -3.39 9.56 14.09
CA ILE A 553 -4.26 10.68 13.74
C ILE A 553 -5.68 10.16 13.60
N ASN A 554 -6.61 10.78 14.31
CA ASN A 554 -7.99 10.28 14.37
C ASN A 554 -8.91 10.92 13.36
N THR A 555 -8.62 12.14 12.91
CA THR A 555 -9.50 12.82 11.98
C THR A 555 -9.30 12.30 10.57
N PRO A 556 -10.31 11.74 9.92
CA PRO A 556 -10.16 11.30 8.53
C PRO A 556 -10.25 12.45 7.55
N LEU A 557 -9.99 12.14 6.29
CA LEU A 557 -10.18 13.09 5.20
C LEU A 557 -11.55 12.92 4.57
N LEU A 558 -11.95 13.92 3.79
CA LEU A 558 -13.22 13.86 3.07
C LEU A 558 -13.07 12.90 1.90
N THR A 559 -13.30 11.63 2.15
CA THR A 559 -13.15 10.62 1.12
C THR A 559 -14.27 10.76 0.09
N PRO A 560 -13.94 10.90 -1.19
CA PRO A 560 -14.98 11.01 -2.22
C PRO A 560 -15.36 9.66 -2.81
N LEU A 561 -16.61 9.58 -3.28
CA LEU A 561 -17.08 8.37 -3.95
C LEU A 561 -16.43 8.16 -5.31
N LYS A 562 -16.22 9.23 -6.07
CA LYS A 562 -15.57 9.14 -7.37
C LYS A 562 -14.34 10.04 -7.36
N LEU A 563 -13.19 9.49 -7.73
CA LEU A 563 -11.93 10.20 -7.75
C LEU A 563 -11.31 10.14 -9.14
N SER A 564 -10.76 11.27 -9.59
CA SER A 564 -10.12 11.38 -10.90
C SER A 564 -8.65 11.71 -10.67
N LEU A 565 -7.77 10.78 -11.06
CA LEU A 565 -6.33 10.98 -10.95
C LEU A 565 -5.77 11.43 -12.30
N GLU A 566 -6.18 12.63 -12.69
CA GLU A 566 -5.76 13.23 -13.96
C GLU A 566 -4.76 14.35 -13.80
N GLU A 567 -4.96 15.21 -12.79
CA GLU A 567 -4.10 16.36 -12.56
C GLU A 567 -2.66 15.95 -12.32
N TRP A 568 -2.46 14.74 -11.81
CA TRP A 568 -1.13 14.20 -11.56
C TRP A 568 -0.80 13.05 -12.51
N SER A 569 -1.35 13.08 -13.72
CA SER A 569 -1.07 12.06 -14.73
C SER A 569 -0.34 12.71 -15.90
N THR A 570 0.62 11.99 -16.46
CA THR A 570 1.44 12.53 -17.54
C THR A 570 0.60 12.79 -18.79
N LYS A 571 -0.48 12.05 -18.97
CA LYS A 571 -1.32 12.12 -20.15
C LYS A 571 -2.68 12.73 -19.80
N PRO A 572 -3.35 13.35 -20.77
CA PRO A 572 -4.69 13.87 -20.52
C PRO A 572 -5.72 12.75 -20.46
N THR A 573 -5.82 12.10 -19.29
CA THR A 573 -6.66 10.93 -19.15
C THR A 573 -8.14 11.29 -19.26
N ASN A 574 -8.95 10.28 -19.58
CA ASN A 574 -10.39 10.44 -19.64
C ASN A 574 -11.11 9.43 -18.76
N ASP A 575 -10.48 8.95 -17.69
CA ASP A 575 -11.00 7.85 -16.89
C ASP A 575 -11.04 8.24 -15.42
N SER A 576 -12.11 7.84 -14.74
CA SER A 576 -12.30 8.12 -13.33
C SER A 576 -12.29 6.82 -12.53
N TYR A 577 -12.27 6.96 -11.21
CA TYR A 577 -12.22 5.84 -10.30
C TYR A 577 -13.31 5.98 -9.24
N GLY A 578 -13.69 4.85 -8.65
CA GLY A 578 -14.75 4.85 -7.65
C GLY A 578 -14.52 3.91 -6.49
N LEU A 579 -14.96 4.31 -5.30
CA LEU A 579 -14.75 3.52 -4.09
C LEU A 579 -15.54 2.22 -4.14
N PHE A 580 -14.89 1.14 -3.71
CA PHE A 580 -15.58 -0.15 -3.60
C PHE A 580 -15.17 -0.92 -2.36
N ALA A 581 -14.28 -0.35 -1.54
CA ALA A 581 -13.81 -1.01 -0.33
C ALA A 581 -13.02 -0.06 0.55
N VAL A 582 -13.31 -0.07 1.86
CA VAL A 582 -12.59 0.76 2.82
C VAL A 582 -12.24 -0.08 4.04
N VAL A 583 -10.94 -0.26 4.29
CA VAL A 583 -10.51 -0.95 5.50
C VAL A 583 -10.24 0.08 6.58
N MET A 584 -10.85 -0.12 7.75
CA MET A 584 -10.77 0.84 8.85
C MET A 584 -10.06 0.20 10.03
N HIS A 585 -9.50 1.06 10.88
CA HIS A 585 -8.80 0.63 12.10
C HIS A 585 -9.49 1.27 13.29
N SER A 586 -9.89 0.45 14.26
CA SER A 586 -10.62 0.92 15.43
C SER A 586 -9.69 0.90 16.64
N GLY A 587 -9.41 2.07 17.20
CA GLY A 587 -8.55 2.16 18.36
C GLY A 587 -8.06 3.56 18.55
N ILE A 588 -7.27 3.74 19.61
CA ILE A 588 -6.68 5.03 19.94
C ILE A 588 -5.15 5.01 19.89
N THR A 589 -4.52 3.85 19.75
CA THR A 589 -3.08 3.74 19.65
C THR A 589 -2.72 2.87 18.45
N ILE A 590 -1.51 3.09 17.93
CA ILE A 590 -1.07 2.32 16.76
C ILE A 590 -0.57 0.93 17.13
N SER A 591 -0.44 0.63 18.42
CA SER A 591 0.09 -0.65 18.86
C SER A 591 -0.98 -1.71 19.07
N SER A 592 -2.25 -1.33 19.00
CA SER A 592 -3.34 -2.29 19.15
C SER A 592 -4.59 -1.72 18.51
N GLY A 593 -5.54 -2.60 18.22
CA GLY A 593 -6.78 -2.17 17.59
C GLY A 593 -7.54 -3.35 17.03
N HIS A 594 -8.42 -3.03 16.07
CA HIS A 594 -9.26 -4.05 15.44
C HIS A 594 -9.70 -3.54 14.08
N TYR A 595 -9.35 -4.28 13.04
CA TYR A 595 -9.62 -3.88 11.67
C TYR A 595 -11.01 -4.30 11.23
N THR A 596 -11.65 -3.44 10.44
CA THR A 596 -12.93 -3.76 9.83
C THR A 596 -12.84 -3.47 8.33
N ALA A 597 -13.81 -3.99 7.59
CA ALA A 597 -13.86 -3.80 6.15
C ALA A 597 -15.26 -3.41 5.74
N SER A 598 -15.38 -2.72 4.60
CA SER A 598 -16.66 -2.31 4.05
C SER A 598 -16.56 -2.30 2.53
N VAL A 599 -17.14 -3.32 1.89
CA VAL A 599 -17.00 -3.52 0.45
C VAL A 599 -18.36 -3.26 -0.19
N LYS A 600 -18.35 -2.52 -1.30
CA LYS A 600 -19.59 -2.24 -2.01
C LYS A 600 -20.04 -3.45 -2.80
N VAL A 601 -21.36 -3.67 -2.83
CA VAL A 601 -21.93 -4.83 -3.50
C VAL A 601 -21.91 -4.56 -5.01
N THR A 602 -21.11 -5.32 -5.74
CA THR A 602 -21.06 -5.21 -7.20
C THR A 602 -20.93 -6.58 -7.86
N GLU A 745 -27.24 -5.24 -4.03
CA GLU A 745 -26.50 -4.69 -5.17
C GLU A 745 -26.52 -3.17 -5.16
N GLY A 746 -25.45 -2.57 -4.64
CA GLY A 746 -25.36 -1.13 -4.51
C GLY A 746 -25.29 -0.67 -3.08
N LYS A 747 -24.89 -1.56 -2.17
CA LYS A 747 -24.82 -1.25 -0.75
C LYS A 747 -23.44 -1.57 -0.20
N TRP A 748 -23.28 -1.48 1.12
CA TRP A 748 -21.98 -1.66 1.77
C TRP A 748 -22.13 -2.73 2.86
N LEU A 749 -21.46 -3.86 2.68
CA LEU A 749 -21.44 -4.86 3.75
C LEU A 749 -20.41 -4.43 4.79
N LEU A 750 -20.81 -4.46 6.05
CA LEU A 750 -19.91 -4.12 7.15
C LEU A 750 -19.46 -5.40 7.84
N PHE A 751 -18.14 -5.59 7.90
CA PHE A 751 -17.55 -6.87 8.27
C PHE A 751 -16.89 -6.75 9.65
N ASP A 752 -17.70 -6.94 10.68
CA ASP A 752 -17.21 -6.90 12.05
C ASP A 752 -17.03 -8.32 12.56
N ASP A 753 -15.79 -8.77 12.62
CA ASP A 753 -15.45 -10.17 12.93
C ASP A 753 -16.22 -11.12 12.03
N SER A 754 -17.30 -11.72 12.54
CA SER A 754 -18.08 -12.71 11.80
C SER A 754 -19.48 -12.23 11.48
N GLU A 755 -19.75 -10.93 11.62
CA GLU A 755 -21.06 -10.38 11.31
C GLU A 755 -21.04 -9.65 9.97
N VAL A 756 -22.21 -9.53 9.37
CA VAL A 756 -22.40 -8.79 8.13
C VAL A 756 -23.62 -7.89 8.30
N LYS A 757 -23.44 -6.60 8.05
CA LYS A 757 -24.56 -5.65 8.22
C LYS A 757 -24.58 -4.74 7.01
N VAL A 758 -25.61 -4.91 6.18
CA VAL A 758 -25.78 -4.11 4.96
C VAL A 758 -26.10 -2.68 5.35
N THR A 759 -25.48 -1.72 4.68
CA THR A 759 -25.69 -0.31 4.94
C THR A 759 -25.96 0.40 3.63
N GLU A 760 -26.94 1.30 3.63
CA GLU A 760 -27.27 2.02 2.41
C GLU A 760 -26.15 2.99 2.05
N GLU A 761 -26.13 3.40 0.78
CA GLU A 761 -25.04 4.20 0.25
C GLU A 761 -24.89 5.53 0.98
N LYS A 762 -26.03 6.17 1.29
CA LYS A 762 -25.97 7.49 1.90
C LYS A 762 -25.50 7.42 3.35
N ASP A 763 -25.96 6.43 4.11
CA ASP A 763 -25.56 6.34 5.51
C ASP A 763 -24.07 6.02 5.66
N PHE A 764 -23.55 5.12 4.82
CA PHE A 764 -22.14 4.77 4.90
C PHE A 764 -21.26 5.98 4.60
N LEU A 765 -21.62 6.75 3.58
CA LEU A 765 -20.86 7.95 3.26
C LEU A 765 -20.94 8.97 4.38
N ASN A 766 -22.10 9.04 5.05
CA ASN A 766 -22.24 9.94 6.20
C ASN A 766 -21.30 9.53 7.32
N SER A 767 -21.20 8.23 7.60
CA SER A 767 -20.35 7.75 8.68
C SER A 767 -18.86 7.95 8.39
N LEU A 768 -18.49 8.25 7.14
CA LEU A 768 -17.11 8.52 6.78
C LEU A 768 -16.74 9.99 6.92
N SER A 769 -17.71 10.86 7.18
CA SER A 769 -17.42 12.29 7.29
C SER A 769 -16.62 12.57 8.56
N PRO A 770 -15.62 13.46 8.48
CA PRO A 770 -14.84 13.78 9.69
C PRO A 770 -15.68 14.37 10.81
N SER A 771 -16.71 15.15 10.48
CA SER A 771 -17.53 15.80 11.49
C SER A 771 -18.26 14.81 12.38
N THR A 772 -18.51 13.59 11.90
CA THR A 772 -19.12 12.56 12.71
C THR A 772 -18.19 12.01 13.78
N SER A 773 -16.90 12.34 13.70
CA SER A 773 -15.86 11.75 14.55
C SER A 773 -15.90 10.22 14.46
N PRO A 774 -15.56 9.65 13.31
CA PRO A 774 -15.62 8.19 13.16
C PRO A 774 -14.68 7.48 14.12
N THR A 775 -15.22 6.55 14.91
CA THR A 775 -14.39 5.73 15.79
C THR A 775 -13.46 4.82 15.01
N SER A 776 -13.84 4.43 13.80
CA SER A 776 -13.03 3.58 12.93
C SER A 776 -12.39 4.47 11.88
N THR A 777 -11.13 4.85 12.12
CA THR A 777 -10.41 5.72 11.20
C THR A 777 -10.07 4.97 9.92
N PRO A 778 -10.44 5.50 8.75
CA PRO A 778 -10.09 4.81 7.50
C PRO A 778 -8.59 4.65 7.34
N TYR A 779 -8.18 3.48 6.88
CA TYR A 779 -6.76 3.16 6.72
C TYR A 779 -6.40 2.91 5.27
N LEU A 780 -7.13 2.00 4.62
CA LEU A 780 -6.91 1.66 3.22
C LEU A 780 -8.17 1.96 2.43
N LEU A 781 -8.03 2.70 1.33
CA LEU A 781 -9.13 2.97 0.43
C LEU A 781 -8.83 2.33 -0.93
N PHE A 782 -9.83 1.64 -1.47
CA PHE A 782 -9.67 0.95 -2.74
C PHE A 782 -10.64 1.52 -3.77
N TYR A 783 -10.10 1.79 -4.96
CA TYR A 783 -10.90 2.31 -6.07
C TYR A 783 -10.75 1.39 -7.26
N LYS A 784 -11.87 1.12 -7.93
CA LYS A 784 -11.88 0.30 -9.13
C LYS A 784 -12.21 1.15 -10.34
N LYS A 785 -11.63 0.79 -11.48
CA LYS A 785 -11.83 1.52 -12.72
C LYS A 785 -13.29 1.39 -13.18
N LEU A 786 -13.88 2.51 -13.58
CA LEU A 786 -15.24 2.48 -14.11
C LEU A 786 -15.22 2.34 -15.64
N SER B 4 28.06 8.01 -1.17
CA SER B 4 28.36 7.62 -2.55
C SER B 4 27.23 8.01 -3.49
N MET B 5 26.00 7.71 -3.09
CA MET B 5 24.82 8.04 -3.87
C MET B 5 23.74 8.58 -2.95
N GLN B 6 22.84 9.37 -3.51
CA GLN B 6 21.79 10.05 -2.76
C GLN B 6 20.43 9.48 -3.13
N ILE B 7 19.63 9.15 -2.12
CA ILE B 7 18.28 8.63 -2.31
C ILE B 7 17.31 9.47 -1.51
N PHE B 8 16.06 9.49 -1.96
CA PHE B 8 15.01 10.26 -1.34
C PHE B 8 14.12 9.37 -0.49
N VAL B 9 13.61 9.93 0.61
CA VAL B 9 12.70 9.23 1.50
C VAL B 9 11.51 10.13 1.76
N LYS B 10 10.31 9.64 1.49
CA LYS B 10 9.09 10.40 1.78
C LYS B 10 8.60 10.04 3.17
N THR B 11 8.63 11.02 4.07
CA THR B 11 8.35 10.77 5.47
C THR B 11 6.85 10.64 5.72
N LEU B 12 6.45 10.64 6.99
CA LEU B 12 5.07 10.39 7.35
C LEU B 12 4.16 11.53 6.92
N THR B 13 4.68 12.74 6.78
CA THR B 13 3.89 13.91 6.42
C THR B 13 3.97 14.24 4.93
N GLY B 14 4.59 13.38 4.13
CA GLY B 14 4.81 13.64 2.73
C GLY B 14 6.06 14.44 2.42
N LYS B 15 6.70 15.02 3.42
CA LYS B 15 7.92 15.78 3.20
C LYS B 15 9.06 14.85 2.80
N THR B 16 9.85 15.28 1.82
CA THR B 16 10.92 14.46 1.27
C THR B 16 12.25 14.85 1.90
N ILE B 17 13.01 13.85 2.35
CA ILE B 17 14.35 14.04 2.88
C ILE B 17 15.31 13.23 2.03
N THR B 18 16.60 13.52 2.20
CA THR B 18 17.65 12.89 1.41
C THR B 18 18.61 12.13 2.31
N LEU B 19 19.13 11.03 1.78
CA LEU B 19 20.10 10.20 2.49
C LEU B 19 21.30 9.91 1.60
N GLU B 20 22.48 9.99 2.18
CA GLU B 20 23.71 9.58 1.49
C GLU B 20 24.03 8.15 1.88
N VAL B 21 23.86 7.23 0.93
CA VAL B 21 23.98 5.80 1.19
C VAL B 21 24.93 5.18 0.18
N GLU B 22 25.45 4.01 0.53
CA GLU B 22 26.31 3.19 -0.32
C GLU B 22 25.50 2.06 -0.93
N PRO B 23 25.90 1.55 -2.10
CA PRO B 23 25.21 0.39 -2.65
C PRO B 23 25.30 -0.85 -1.78
N SER B 24 26.32 -0.95 -0.93
CA SER B 24 26.50 -2.09 -0.04
C SER B 24 25.83 -1.89 1.33
N ASP B 25 25.24 -0.73 1.58
CA ASP B 25 24.62 -0.48 2.87
C ASP B 25 23.42 -1.40 3.07
N THR B 26 23.27 -1.90 4.29
CA THR B 26 22.16 -2.76 4.65
C THR B 26 20.94 -1.92 5.03
N ILE B 27 19.79 -2.58 5.07
CA ILE B 27 18.55 -1.89 5.42
C ILE B 27 18.59 -1.38 6.86
N GLU B 28 19.32 -2.08 7.73
CA GLU B 28 19.49 -1.59 9.09
C GLU B 28 20.22 -0.25 9.10
N ASN B 29 21.25 -0.12 8.25
CA ASN B 29 21.99 1.14 8.18
C ASN B 29 21.11 2.28 7.67
N VAL B 30 20.28 1.99 6.65
CA VAL B 30 19.40 3.02 6.11
C VAL B 30 18.37 3.46 7.14
N LYS B 31 17.80 2.50 7.88
CA LYS B 31 16.82 2.84 8.91
C LYS B 31 17.46 3.64 10.04
N ALA B 32 18.74 3.38 10.35
CA ALA B 32 19.43 4.17 11.35
C ALA B 32 19.59 5.62 10.90
N LYS B 33 19.91 5.83 9.62
CA LYS B 33 20.03 7.19 9.10
C LYS B 33 18.71 7.93 9.14
N ILE B 34 17.61 7.23 8.83
CA ILE B 34 16.29 7.86 8.85
C ILE B 34 15.94 8.29 10.26
N GLN B 35 16.31 7.50 11.26
CA GLN B 35 16.10 7.89 12.65
C GLN B 35 16.85 9.17 12.98
N ASP B 36 18.08 9.32 12.48
CA ASP B 36 18.86 10.51 12.77
C ASP B 36 18.19 11.77 12.24
N LYS B 37 17.40 11.65 11.17
CA LYS B 37 16.72 12.80 10.59
C LYS B 37 15.28 12.93 11.06
N GLU B 38 14.60 11.83 11.34
CA GLU B 38 13.18 11.84 11.67
C GLU B 38 12.87 11.48 13.12
N GLY B 39 13.77 10.80 13.82
CA GLY B 39 13.49 10.39 15.18
C GLY B 39 12.46 9.29 15.30
N ILE B 40 12.55 8.24 14.48
CA ILE B 40 11.66 7.09 14.55
C ILE B 40 12.53 5.85 14.74
N PRO B 41 12.22 4.99 15.72
CA PRO B 41 13.07 3.82 15.96
C PRO B 41 13.07 2.91 14.76
N PRO B 42 14.19 2.23 14.50
CA PRO B 42 14.26 1.35 13.31
C PRO B 42 13.25 0.22 13.32
N ASP B 43 12.91 -0.33 14.48
CA ASP B 43 11.94 -1.42 14.54
C ASP B 43 10.51 -0.96 14.24
N GLN B 44 10.23 0.34 14.29
CA GLN B 44 8.93 0.87 13.92
C GLN B 44 8.86 1.30 12.46
N GLN B 45 9.94 1.17 11.70
CA GLN B 45 10.00 1.68 10.35
C GLN B 45 9.75 0.58 9.32
N ARG B 46 8.95 0.90 8.32
CA ARG B 46 8.76 0.06 7.15
C ARG B 46 9.11 0.88 5.91
N LEU B 47 10.03 0.37 5.09
CA LEU B 47 10.48 1.05 3.90
C LEU B 47 9.98 0.28 2.68
N ILE B 48 9.29 0.99 1.79
CA ILE B 48 8.71 0.41 0.59
C ILE B 48 9.39 1.03 -0.62
N PHE B 49 9.98 0.20 -1.46
CA PHE B 49 10.59 0.64 -2.71
C PHE B 49 9.99 -0.14 -3.86
N ALA B 50 9.39 0.57 -4.81
CA ALA B 50 8.81 -0.03 -6.02
C ALA B 50 7.79 -1.11 -5.66
N GLY B 51 7.02 -0.86 -4.61
CA GLY B 51 6.00 -1.79 -4.18
C GLY B 51 6.51 -2.97 -3.37
N LYS B 52 7.81 -3.10 -3.21
CA LYS B 52 8.39 -4.19 -2.43
C LYS B 52 8.93 -3.65 -1.12
N GLN B 53 8.60 -4.33 -0.03
CA GLN B 53 9.09 -3.93 1.29
C GLN B 53 10.53 -4.36 1.46
N LEU B 54 11.36 -3.44 1.97
CA LEU B 54 12.76 -3.75 2.19
C LEU B 54 12.90 -4.57 3.48
N GLU B 55 13.46 -5.77 3.36
CA GLU B 55 13.64 -6.66 4.49
C GLU B 55 14.97 -6.40 5.18
N ASP B 56 14.98 -6.51 6.50
CA ASP B 56 16.20 -6.31 7.27
C ASP B 56 17.22 -7.39 6.94
N GLY B 57 18.49 -7.00 6.90
CA GLY B 57 19.57 -7.91 6.58
C GLY B 57 20.01 -7.90 5.13
N ARG B 58 19.17 -7.39 4.22
CA ARG B 58 19.52 -7.27 2.82
C ARG B 58 20.24 -5.95 2.57
N THR B 59 20.80 -5.81 1.37
CA THR B 59 21.54 -4.62 0.98
C THR B 59 20.75 -3.86 -0.09
N LEU B 60 21.11 -2.59 -0.27
CA LEU B 60 20.47 -1.79 -1.29
C LEU B 60 20.77 -2.31 -2.69
N SER B 61 21.93 -2.92 -2.88
CA SER B 61 22.25 -3.51 -4.18
C SER B 61 21.35 -4.69 -4.49
N ASP B 62 20.80 -5.34 -3.46
CA ASP B 62 19.89 -6.47 -3.69
C ASP B 62 18.60 -6.01 -4.35
N TYR B 63 18.08 -4.85 -3.96
CA TYR B 63 16.83 -4.31 -4.51
C TYR B 63 17.06 -3.38 -5.70
N ASN B 64 18.31 -3.20 -6.13
CA ASN B 64 18.65 -2.32 -7.25
C ASN B 64 18.20 -0.88 -6.99
N ILE B 65 18.50 -0.37 -5.81
CA ILE B 65 18.22 1.03 -5.46
C ILE B 65 19.40 1.86 -5.92
N GLN B 66 19.19 2.68 -6.95
CA GLN B 66 20.23 3.53 -7.51
C GLN B 66 20.02 4.97 -7.03
N LYS B 67 20.79 5.90 -7.61
CA LYS B 67 20.68 7.29 -7.23
C LYS B 67 19.29 7.83 -7.57
N GLU B 68 18.79 8.74 -6.73
CA GLU B 68 17.49 9.39 -6.87
C GLU B 68 16.32 8.44 -6.63
N SER B 69 16.59 7.20 -6.21
CA SER B 69 15.50 6.28 -5.90
C SER B 69 14.76 6.73 -4.66
N THR B 70 13.44 6.60 -4.68
CA THR B 70 12.57 7.11 -3.62
C THR B 70 12.08 5.96 -2.77
N LEU B 71 12.33 6.04 -1.47
CA LEU B 71 11.75 5.11 -0.51
C LEU B 71 10.58 5.78 0.19
N HIS B 72 9.59 4.97 0.56
CA HIS B 72 8.43 5.45 1.29
C HIS B 72 8.48 4.90 2.71
N LEU B 73 8.42 5.80 3.68
CA LEU B 73 8.53 5.44 5.09
C LEU B 73 7.14 5.40 5.69
N VAL B 74 6.75 4.22 6.19
CA VAL B 74 5.47 4.04 6.84
C VAL B 74 5.69 3.26 8.14
N LEU B 75 4.73 3.39 9.05
CA LEU B 75 4.75 2.69 10.33
C LEU B 75 3.82 1.48 10.27
N ARG B 76 3.73 0.79 11.40
CA ARG B 76 2.84 -0.37 11.52
C ARG B 76 1.63 0.01 12.36
N LEU B 77 0.44 -0.23 11.81
CA LEU B 77 -0.83 0.00 12.51
C LEU B 77 -1.40 -1.37 12.85
N ARG B 78 -1.03 -1.89 14.01
CA ARG B 78 -1.36 -3.26 14.38
C ARG B 78 -2.82 -3.37 14.78
N GLY B 79 -3.46 -4.47 14.37
CA GLY B 79 -4.83 -4.73 14.72
C GLY B 79 -5.09 -6.21 14.80
N GLY B 80 -6.05 -6.58 15.66
CA GLY B 80 -6.39 -7.97 15.87
C GLY B 80 -7.70 -8.15 16.62
#